data_4HT9
#
_entry.id   4HT9
#
_cell.length_a   60.590
_cell.length_b   38.280
_cell.length_c   84.520
_cell.angle_alpha   90.00
_cell.angle_beta   90.00
_cell.angle_gamma   90.00
#
_symmetry.space_group_name_H-M   'I 1 2 1'
#
loop_
_entity.id
_entity.type
_entity.pdbx_description
1 polymer 'Protein hfq'
2 polymer "RNA (5'-R(*AP*AP*AP*AP*AP*AP*A)-3')"
3 polymer "RNA (5'-R(*AP*UP*UP*UP*UP*UP*UP*A)-3')"
4 water water
#
loop_
_entity_poly.entity_id
_entity_poly.type
_entity_poly.pdbx_seq_one_letter_code
_entity_poly.pdbx_strand_id
1 'polypeptide(L)' MAKGQSLQDPFLNALRRERVPVSIYLVNGIKLQGQIESFDQFVILLKNTVSQMVYKHAISTVVPS A,B,C
2 'polyribonucleotide' AAAAAAA D
3 'polyribonucleotide' AUUUUUUA E
#
# COMPACT_ATOMS: atom_id res chain seq x y z
N SER A 6 -9.03 -10.90 -4.54
CA SER A 6 -9.60 -11.23 -5.88
C SER A 6 -9.21 -10.25 -7.01
N LEU A 7 -9.22 -8.95 -6.71
CA LEU A 7 -8.83 -7.92 -7.70
C LEU A 7 -7.45 -7.34 -7.47
N GLN A 8 -6.99 -7.38 -6.22
CA GLN A 8 -5.72 -6.82 -5.82
C GLN A 8 -4.53 -7.46 -6.54
N ASP A 9 -4.45 -8.78 -6.49
CA ASP A 9 -3.33 -9.49 -7.06
C ASP A 9 -3.23 -9.32 -8.57
N PRO A 10 -4.34 -9.51 -9.30
CA PRO A 10 -4.19 -9.27 -10.76
C PRO A 10 -3.82 -7.81 -11.10
N PHE A 11 -4.31 -6.83 -10.34
CA PHE A 11 -4.02 -5.42 -10.59
C PHE A 11 -2.52 -5.13 -10.45
N LEU A 12 -1.95 -5.55 -9.32
CA LEU A 12 -0.50 -5.43 -9.04
C LEU A 12 0.37 -6.20 -10.03
N ASN A 13 -0.04 -7.44 -10.32
CA ASN A 13 0.69 -8.26 -11.26
C ASN A 13 0.73 -7.67 -12.67
N ALA A 14 -0.37 -7.04 -13.11
CA ALA A 14 -0.43 -6.48 -14.46
C ALA A 14 0.59 -5.36 -14.54
N LEU A 15 0.70 -4.58 -13.48
CA LEU A 15 1.70 -3.50 -13.42
C LEU A 15 3.13 -4.04 -13.42
N ARG A 16 3.36 -5.11 -12.68
CA ARG A 16 4.68 -5.78 -12.67
C ARG A 16 5.01 -6.36 -14.06
N ARG A 17 4.04 -7.09 -14.61
CA ARG A 17 4.17 -7.78 -15.91
C ARG A 17 4.57 -6.84 -17.04
N GLU A 18 3.95 -5.65 -17.08
CA GLU A 18 4.23 -4.71 -18.16
C GLU A 18 5.25 -3.63 -17.79
N ARG A 19 5.88 -3.80 -16.61
CA ARG A 19 6.88 -2.86 -16.08
CA ARG A 19 6.89 -2.87 -16.13
C ARG A 19 6.42 -1.40 -16.12
N VAL A 20 5.18 -1.18 -15.67
CA VAL A 20 4.54 0.15 -15.68
C VAL A 20 5.12 0.99 -14.55
N PRO A 21 5.61 2.22 -14.86
CA PRO A 21 6.03 3.08 -13.75
C PRO A 21 4.83 3.45 -12.91
N VAL A 22 4.96 3.30 -11.59
CA VAL A 22 3.82 3.48 -10.73
C VAL A 22 4.09 4.49 -9.62
N SER A 23 2.99 5.04 -9.12
CA SER A 23 2.96 5.84 -7.90
C SER A 23 2.20 5.08 -6.82
N ILE A 24 2.80 4.98 -5.63
CA ILE A 24 2.12 4.42 -4.48
C ILE A 24 1.96 5.56 -3.52
N TYR A 25 0.70 5.92 -3.22
CA TYR A 25 0.43 7.01 -2.27
C TYR A 25 0.14 6.38 -0.94
N LEU A 26 0.85 6.86 0.07
CA LEU A 26 0.71 6.34 1.43
C LEU A 26 -0.39 7.05 2.18
N VAL A 27 -0.85 6.47 3.29
CA VAL A 27 -1.92 7.09 4.07
C VAL A 27 -1.61 8.47 4.63
N ASN A 28 -0.31 8.80 4.73
CA ASN A 28 0.11 10.09 5.25
C ASN A 28 0.37 11.11 4.14
N GLY A 29 0.04 10.72 2.91
CA GLY A 29 0.08 11.63 1.74
C GLY A 29 1.32 11.48 0.86
N ILE A 30 2.35 10.83 1.40
CA ILE A 30 3.64 10.66 0.69
C ILE A 30 3.48 9.83 -0.58
N LYS A 31 4.05 10.30 -1.70
CA LYS A 31 4.05 9.56 -2.98
C LYS A 31 5.38 8.87 -3.20
N LEU A 32 5.35 7.54 -3.35
CA LEU A 32 6.53 6.79 -3.73
C LEU A 32 6.40 6.36 -5.18
N GLN A 33 7.52 6.33 -5.89
CA GLN A 33 7.48 5.99 -7.31
C GLN A 33 8.48 4.91 -7.60
N GLY A 34 8.13 4.02 -8.52
CA GLY A 34 9.07 3.03 -9.00
C GLY A 34 8.32 1.98 -9.77
N GLN A 35 8.88 0.77 -9.77
CA GLN A 35 8.27 -0.39 -10.45
C GLN A 35 7.84 -1.42 -9.44
N ILE A 36 6.69 -2.05 -9.68
CA ILE A 36 6.25 -3.15 -8.79
C ILE A 36 7.12 -4.33 -9.17
N GLU A 37 7.90 -4.79 -8.20
CA GLU A 37 8.80 -5.92 -8.46
CA GLU A 37 8.82 -5.91 -8.41
C GLU A 37 8.14 -7.23 -8.04
N SER A 38 7.45 -7.22 -6.88
CA SER A 38 6.77 -8.38 -6.35
C SER A 38 5.81 -7.91 -5.24
N PHE A 39 5.02 -8.85 -4.70
CA PHE A 39 4.04 -8.56 -3.63
C PHE A 39 3.61 -9.87 -2.97
N ASP A 40 3.15 -9.79 -1.72
CA ASP A 40 2.53 -10.95 -1.07
C ASP A 40 1.30 -10.46 -0.31
N GLN A 41 0.84 -11.22 0.67
CA GLN A 41 -0.40 -10.86 1.38
C GLN A 41 -0.31 -9.48 2.03
N PHE A 42 0.86 -9.16 2.57
CA PHE A 42 1.00 -7.99 3.39
C PHE A 42 1.88 -6.89 2.82
N VAL A 43 2.74 -7.20 1.85
CA VAL A 43 3.69 -6.19 1.36
C VAL A 43 3.77 -6.11 -0.16
N ILE A 44 4.31 -4.98 -0.63
CA ILE A 44 4.67 -4.74 -2.04
C ILE A 44 6.14 -4.34 -2.08
N LEU A 45 6.88 -4.97 -2.98
CA LEU A 45 8.25 -4.59 -3.19
C LEU A 45 8.31 -3.63 -4.35
N LEU A 46 8.79 -2.42 -4.07
CA LEU A 46 8.85 -1.33 -5.03
C LEU A 46 10.31 -1.03 -5.39
N LYS A 47 10.61 -1.15 -6.68
CA LYS A 47 11.97 -1.04 -7.15
C LYS A 47 12.24 0.27 -7.83
N ASN A 48 13.31 0.91 -7.41
CA ASN A 48 13.79 2.10 -8.07
C ASN A 48 15.30 1.92 -8.24
N THR A 49 16.11 2.67 -7.51
CA THR A 49 17.52 2.32 -7.44
C THR A 49 17.63 0.99 -6.67
N VAL A 50 17.07 0.97 -5.46
CA VAL A 50 17.00 -0.25 -4.66
C VAL A 50 15.53 -0.72 -4.51
N SER A 51 15.35 -1.97 -4.09
CA SER A 51 14.03 -2.50 -3.75
C SER A 51 13.74 -2.15 -2.30
N GLN A 52 12.61 -1.50 -2.06
CA GLN A 52 12.15 -1.26 -0.70
C GLN A 52 10.84 -2.02 -0.47
N MET A 53 10.56 -2.38 0.77
CA MET A 53 9.36 -3.15 1.07
C MET A 53 8.34 -2.16 1.66
N VAL A 54 7.18 -2.06 1.01
CA VAL A 54 6.10 -1.20 1.45
C VAL A 54 5.01 -2.05 2.11
N TYR A 55 4.62 -1.70 3.34
CA TYR A 55 3.49 -2.41 3.96
C TYR A 55 2.18 -1.92 3.35
N LYS A 56 1.32 -2.85 2.93
CA LYS A 56 0.01 -2.54 2.41
C LYS A 56 -0.84 -1.72 3.37
N HIS A 57 -0.73 -1.97 4.66
CA HIS A 57 -1.53 -1.23 5.65
C HIS A 57 -1.23 0.27 5.61
N ALA A 58 -0.06 0.64 5.07
CA ALA A 58 0.35 2.04 4.95
C ALA A 58 -0.05 2.71 3.63
N ILE A 59 -0.62 1.95 2.72
CA ILE A 59 -0.87 2.47 1.38
C ILE A 59 -2.31 2.92 1.27
N SER A 60 -2.52 4.08 0.64
CA SER A 60 -3.87 4.46 0.23
CA SER A 60 -3.86 4.49 0.21
C SER A 60 -4.19 3.95 -1.18
N THR A 61 -3.33 4.26 -2.15
CA THR A 61 -3.59 3.95 -3.56
C THR A 61 -2.37 3.48 -4.31
N VAL A 62 -2.61 2.76 -5.41
CA VAL A 62 -1.56 2.36 -6.37
C VAL A 62 -2.09 2.76 -7.75
N VAL A 63 -1.31 3.55 -8.50
CA VAL A 63 -1.79 4.08 -9.79
C VAL A 63 -0.62 4.23 -10.78
N PRO A 64 -0.85 3.96 -12.08
CA PRO A 64 0.25 4.25 -12.97
C PRO A 64 0.63 5.73 -12.89
N SER A 65 1.93 6.01 -12.94
N SER A 65 1.93 6.00 -12.92
CA SER A 65 2.44 7.37 -12.91
CA SER A 65 2.45 7.35 -12.91
C SER A 65 1.98 8.17 -14.14
C SER A 65 2.44 7.95 -14.33
N GLY B 4 -23.26 -8.10 8.69
CA GLY B 4 -22.44 -8.56 7.53
C GLY B 4 -22.10 -7.40 6.63
N GLN B 5 -22.07 -7.65 5.32
CA GLN B 5 -21.83 -6.61 4.31
C GLN B 5 -23.13 -6.17 3.65
N SER B 6 -24.23 -6.34 4.38
CA SER B 6 -25.58 -6.04 3.90
C SER B 6 -25.84 -4.58 3.52
N LEU B 7 -24.96 -3.68 3.93
CA LEU B 7 -25.04 -2.28 3.49
C LEU B 7 -23.97 -1.98 2.44
N GLN B 8 -22.73 -2.31 2.77
CA GLN B 8 -21.57 -1.96 1.97
C GLN B 8 -21.61 -2.50 0.53
N ASP B 9 -21.89 -3.79 0.37
CA ASP B 9 -21.92 -4.36 -0.97
C ASP B 9 -23.04 -3.82 -1.87
N PRO B 10 -24.28 -3.71 -1.35
CA PRO B 10 -25.29 -3.17 -2.27
C PRO B 10 -25.05 -1.69 -2.60
N PHE B 11 -24.54 -0.94 -1.64
CA PHE B 11 -24.22 0.50 -1.86
C PHE B 11 -23.20 0.67 -2.98
N LEU B 12 -22.09 -0.05 -2.89
CA LEU B 12 -21.04 0.03 -3.89
C LEU B 12 -21.48 -0.54 -5.25
N ASN B 13 -22.18 -1.67 -5.23
CA ASN B 13 -22.68 -2.29 -6.45
C ASN B 13 -23.59 -1.40 -7.25
N ALA B 14 -24.49 -0.69 -6.56
CA ALA B 14 -25.39 0.25 -7.21
C ALA B 14 -24.63 1.38 -7.90
N LEU B 15 -23.65 1.97 -7.19
CA LEU B 15 -22.78 2.99 -7.80
C LEU B 15 -22.07 2.45 -9.03
N ARG B 16 -21.57 1.21 -8.91
CA ARG B 16 -20.87 0.57 -10.02
C ARG B 16 -21.78 0.34 -11.21
N ARG B 17 -22.93 -0.31 -10.96
CA ARG B 17 -23.92 -0.64 -11.99
CA ARG B 17 -23.83 -0.65 -12.04
C ARG B 17 -24.41 0.59 -12.74
N GLU B 18 -24.70 1.65 -11.98
CA GLU B 18 -25.28 2.86 -12.53
C GLU B 18 -24.23 3.88 -13.01
N ARG B 19 -22.94 3.52 -12.92
CA ARG B 19 -21.84 4.38 -13.41
C ARG B 19 -21.92 5.78 -12.80
N VAL B 20 -22.24 5.85 -11.51
CA VAL B 20 -22.42 7.13 -10.84
C VAL B 20 -21.02 7.70 -10.56
N PRO B 21 -20.77 8.97 -10.95
CA PRO B 21 -19.50 9.56 -10.51
C PRO B 21 -19.48 9.65 -8.99
N VAL B 22 -18.37 9.23 -8.36
CA VAL B 22 -18.27 9.24 -6.91
C VAL B 22 -17.10 10.10 -6.42
N SER B 23 -17.21 10.55 -5.17
CA SER B 23 -16.08 11.07 -4.41
C SER B 23 -15.70 10.03 -3.36
N ILE B 24 -14.40 9.70 -3.31
CA ILE B 24 -13.88 8.87 -2.24
C ILE B 24 -12.94 9.70 -1.37
N TYR B 25 -13.36 9.96 -0.14
CA TYR B 25 -12.53 10.73 0.77
C TYR B 25 -11.66 9.74 1.51
N LEU B 26 -10.36 10.01 1.51
CA LEU B 26 -9.43 9.15 2.22
C LEU B 26 -9.39 9.58 3.67
N VAL B 27 -8.78 8.75 4.52
CA VAL B 27 -8.73 9.05 5.97
C VAL B 27 -7.88 10.28 6.31
N ASN B 28 -7.04 10.72 5.36
CA ASN B 28 -6.22 11.92 5.52
C ASN B 28 -6.87 13.18 4.95
N GLY B 29 -8.09 13.02 4.42
CA GLY B 29 -8.88 14.15 3.94
C GLY B 29 -8.78 14.39 2.44
N ILE B 30 -7.90 13.66 1.76
CA ILE B 30 -7.75 13.78 0.29
C ILE B 30 -9.00 13.21 -0.41
N LYS B 31 -9.52 13.94 -1.38
CA LYS B 31 -10.73 13.54 -2.11
C LYS B 31 -10.38 13.04 -3.52
N LEU B 32 -10.64 11.76 -3.78
CA LEU B 32 -10.47 11.24 -5.13
C LEU B 32 -11.80 11.20 -5.84
N GLN B 33 -11.79 11.40 -7.16
CA GLN B 33 -13.04 11.32 -7.94
C GLN B 33 -12.95 10.33 -9.09
N GLY B 34 -14.05 9.67 -9.38
CA GLY B 34 -14.09 8.76 -10.53
C GLY B 34 -15.30 7.88 -10.47
N GLN B 35 -15.23 6.77 -11.19
CA GLN B 35 -16.32 5.81 -11.17
C GLN B 35 -15.87 4.52 -10.49
N ILE B 36 -16.78 3.84 -9.80
CA ILE B 36 -16.45 2.55 -9.20
C ILE B 36 -16.46 1.52 -10.34
N GLU B 37 -15.28 0.97 -10.64
CA GLU B 37 -15.13 -0.01 -11.71
C GLU B 37 -15.45 -1.38 -11.16
N SER B 38 -14.91 -1.67 -9.97
CA SER B 38 -15.13 -2.95 -9.27
C SER B 38 -14.56 -2.84 -7.86
N PHE B 39 -14.84 -3.83 -7.03
CA PHE B 39 -14.36 -3.87 -5.66
C PHE B 39 -14.36 -5.30 -5.17
N ASP B 40 -13.56 -5.56 -4.13
CA ASP B 40 -13.56 -6.85 -3.46
C ASP B 40 -13.51 -6.57 -1.95
N GLN B 41 -13.14 -7.58 -1.15
CA GLN B 41 -13.01 -7.42 0.29
C GLN B 41 -12.11 -6.26 0.76
N PHE B 42 -11.02 -6.00 0.04
CA PHE B 42 -9.98 -5.11 0.52
C PHE B 42 -9.83 -3.83 -0.27
N VAL B 43 -10.20 -3.87 -1.55
CA VAL B 43 -9.92 -2.69 -2.42
C VAL B 43 -11.11 -2.26 -3.27
N ILE B 44 -11.09 -1.01 -3.69
CA ILE B 44 -12.01 -0.50 -4.68
C ILE B 44 -11.16 -0.06 -5.88
N LEU B 45 -11.53 -0.48 -7.09
CA LEU B 45 -10.88 0.08 -8.31
C LEU B 45 -11.64 1.33 -8.75
N LEU B 46 -10.95 2.47 -8.80
CA LEU B 46 -11.60 3.75 -9.08
C LEU B 46 -11.06 4.16 -10.43
N LYS B 47 -11.97 4.28 -11.39
CA LYS B 47 -11.57 4.55 -12.75
C LYS B 47 -11.93 5.98 -13.14
N ASN B 48 -10.96 6.69 -13.67
CA ASN B 48 -11.16 8.03 -14.21
C ASN B 48 -10.15 8.12 -15.34
N THR B 49 -10.56 7.66 -16.51
CA THR B 49 -9.70 7.21 -17.66
C THR B 49 -8.67 6.14 -17.26
N VAL B 50 -7.88 6.41 -16.22
CA VAL B 50 -6.93 5.44 -15.64
C VAL B 50 -7.63 4.65 -14.52
N SER B 51 -7.26 3.37 -14.37
CA SER B 51 -7.74 2.54 -13.25
C SER B 51 -6.75 2.59 -12.10
N GLN B 52 -7.23 2.97 -10.92
CA GLN B 52 -6.39 3.04 -9.76
C GLN B 52 -6.99 2.21 -8.63
N MET B 53 -6.12 1.56 -7.86
CA MET B 53 -6.56 0.68 -6.78
C MET B 53 -6.49 1.41 -5.43
N VAL B 54 -7.61 1.48 -4.73
CA VAL B 54 -7.73 2.20 -3.43
C VAL B 54 -7.99 1.15 -2.37
N TYR B 55 -7.12 1.13 -1.35
CA TYR B 55 -7.34 0.26 -0.20
C TYR B 55 -8.47 0.78 0.66
N LYS B 56 -9.44 -0.09 0.95
CA LYS B 56 -10.58 0.29 1.82
C LYS B 56 -10.11 0.78 3.19
N HIS B 57 -8.98 0.25 3.68
CA HIS B 57 -8.47 0.70 4.97
C HIS B 57 -8.12 2.19 4.96
N ALA B 58 -7.86 2.75 3.80
CA ALA B 58 -7.48 4.17 3.70
C ALA B 58 -8.66 5.08 3.42
N ILE B 59 -9.83 4.50 3.25
CA ILE B 59 -11.03 5.27 2.90
C ILE B 59 -11.81 5.69 4.14
N SER B 60 -12.18 6.98 4.18
CA SER B 60 -13.16 7.45 5.14
C SER B 60 -14.60 7.29 4.61
N THR B 61 -14.90 7.89 3.47
N THR B 61 -14.88 7.89 3.44
CA THR B 61 -16.26 7.87 2.99
CA THR B 61 -16.27 8.13 2.98
C THR B 61 -16.28 7.71 1.48
C THR B 61 -16.44 8.00 1.46
N VAL B 62 -17.42 7.21 1.01
CA VAL B 62 -17.75 7.14 -0.43
C VAL B 62 -19.12 7.81 -0.60
N VAL B 63 -19.18 8.78 -1.51
CA VAL B 63 -20.43 9.57 -1.72
C VAL B 63 -20.62 9.82 -3.21
N PRO B 64 -21.87 9.79 -3.74
CA PRO B 64 -22.00 10.27 -5.12
C PRO B 64 -21.50 11.72 -5.21
N SER B 65 -20.78 12.04 -6.28
CA SER B 65 -20.27 13.39 -6.54
CA SER B 65 -20.29 13.41 -6.44
C SER B 65 -21.41 14.32 -6.95
N SER C 6 5.71 -16.12 1.05
CA SER C 6 6.14 -14.82 1.60
C SER C 6 7.25 -14.18 0.77
N LEU C 7 7.10 -12.89 0.53
CA LEU C 7 8.16 -12.00 0.08
C LEU C 7 8.67 -11.26 1.31
N GLN C 8 7.76 -10.91 2.22
CA GLN C 8 8.14 -10.18 3.44
C GLN C 8 9.22 -10.90 4.25
N ASP C 9 8.99 -12.17 4.56
CA ASP C 9 9.88 -12.87 5.50
C ASP C 9 11.29 -13.04 4.92
N PRO C 10 11.41 -13.54 3.68
CA PRO C 10 12.77 -13.61 3.12
C PRO C 10 13.49 -12.26 3.04
N PHE C 11 12.75 -11.20 2.72
CA PHE C 11 13.30 -9.84 2.65
C PHE C 11 13.88 -9.42 4.01
N LEU C 12 13.07 -9.58 5.08
CA LEU C 12 13.51 -9.20 6.41
C LEU C 12 14.64 -10.09 6.91
N ASN C 13 14.51 -11.40 6.66
CA ASN C 13 15.55 -12.34 7.04
C ASN C 13 16.89 -12.06 6.40
N ALA C 14 16.88 -11.66 5.13
CA ALA C 14 18.12 -11.34 4.44
C ALA C 14 18.77 -10.11 5.08
N LEU C 15 17.94 -9.09 5.34
CA LEU C 15 18.43 -7.89 5.98
C LEU C 15 19.01 -8.19 7.36
N ARG C 16 18.37 -9.10 8.09
CA ARG C 16 18.78 -9.44 9.44
CA ARG C 16 18.77 -9.46 9.44
C ARG C 16 20.09 -10.24 9.43
N ARG C 17 20.16 -11.25 8.56
CA ARG C 17 21.35 -12.11 8.50
C ARG C 17 22.58 -11.37 7.99
N GLU C 18 22.37 -10.45 7.05
CA GLU C 18 23.47 -9.70 6.44
C GLU C 18 23.78 -8.41 7.19
N ARG C 19 23.05 -8.18 8.28
CA ARG C 19 23.25 -7.02 9.15
C ARG C 19 23.27 -5.73 8.35
N VAL C 20 22.32 -5.65 7.41
CA VAL C 20 22.24 -4.54 6.48
C VAL C 20 21.69 -3.32 7.21
N PRO C 21 22.40 -2.17 7.17
CA PRO C 21 21.79 -0.94 7.70
C PRO C 21 20.49 -0.63 6.95
N VAL C 22 19.44 -0.36 7.73
CA VAL C 22 18.13 -0.08 7.14
C VAL C 22 17.56 1.23 7.65
N SER C 23 16.68 1.81 6.85
CA SER C 23 15.86 2.92 7.26
C SER C 23 14.44 2.37 7.36
N ILE C 24 13.80 2.56 8.51
CA ILE C 24 12.39 2.23 8.66
C ILE C 24 11.59 3.53 8.73
N TYR C 25 10.73 3.77 7.75
CA TYR C 25 9.88 4.97 7.76
C TYR C 25 8.57 4.62 8.45
N LEU C 26 8.18 5.46 9.41
CA LEU C 26 6.95 5.22 10.17
C LEU C 26 5.80 5.99 9.56
N VAL C 27 4.59 5.67 10.01
CA VAL C 27 3.37 6.30 9.47
C VAL C 27 3.31 7.81 9.77
N ASN C 28 4.00 8.27 10.80
CA ASN C 28 4.04 9.70 11.13
C ASN C 28 5.17 10.47 10.43
N GLY C 29 5.86 9.77 9.52
CA GLY C 29 6.88 10.39 8.68
C GLY C 29 8.28 10.30 9.27
N ILE C 30 8.35 9.82 10.51
CA ILE C 30 9.64 9.71 11.21
C ILE C 30 10.45 8.55 10.62
N LYS C 31 11.74 8.77 10.39
CA LYS C 31 12.63 7.73 9.88
C LYS C 31 13.51 7.17 10.99
N LEU C 32 13.40 5.86 11.25
CA LEU C 32 14.29 5.20 12.17
C LEU C 32 15.42 4.56 11.37
N GLN C 33 16.61 4.50 11.96
CA GLN C 33 17.71 3.79 11.32
C GLN C 33 18.36 2.78 12.26
N GLY C 34 18.84 1.68 11.70
CA GLY C 34 19.50 0.65 12.48
C GLY C 34 19.62 -0.68 11.75
N GLN C 35 19.81 -1.75 12.50
CA GLN C 35 19.81 -3.09 11.95
C GLN C 35 18.64 -3.88 12.50
N ILE C 36 18.05 -4.70 11.64
CA ILE C 36 16.97 -5.61 12.03
C ILE C 36 17.59 -6.71 12.87
N GLU C 37 17.28 -6.68 14.16
CA GLU C 37 17.84 -7.65 15.06
C GLU C 37 17.02 -8.94 15.02
N SER C 38 15.71 -8.79 14.92
CA SER C 38 14.78 -9.93 14.89
C SER C 38 13.41 -9.41 14.51
N PHE C 39 12.49 -10.31 14.19
CA PHE C 39 11.09 -9.93 13.87
C PHE C 39 10.18 -11.13 14.06
N ASP C 40 8.88 -10.86 14.21
CA ASP C 40 7.87 -11.91 14.22
C ASP C 40 6.63 -11.44 13.44
N GLN C 41 5.48 -12.04 13.69
CA GLN C 41 4.29 -11.71 12.94
C GLN C 41 3.94 -10.20 12.96
N PHE C 42 4.13 -9.57 14.13
CA PHE C 42 3.61 -8.21 14.39
C PHE C 42 4.66 -7.15 14.67
N VAL C 43 5.87 -7.55 15.04
CA VAL C 43 6.84 -6.53 15.43
C VAL C 43 8.22 -6.75 14.82
N ILE C 44 9.02 -5.69 14.79
CA ILE C 44 10.41 -5.79 14.35
C ILE C 44 11.29 -5.19 15.45
N LEU C 45 12.37 -5.89 15.82
CA LEU C 45 13.33 -5.33 16.77
C LEU C 45 14.46 -4.64 16.01
N LEU C 46 14.55 -3.33 16.18
CA LEU C 46 15.49 -2.52 15.45
C LEU C 46 16.58 -2.06 16.41
N LYS C 47 17.83 -2.30 16.03
CA LYS C 47 18.96 -1.89 16.88
C LYS C 47 19.84 -0.81 16.26
N ASN C 48 20.03 0.27 17.01
CA ASN C 48 21.01 1.29 16.68
C ASN C 48 21.84 1.52 17.95
N THR C 49 21.86 2.74 18.48
CA THR C 49 22.45 2.94 19.80
C THR C 49 21.56 2.36 20.89
N VAL C 50 20.27 2.18 20.57
CA VAL C 50 19.33 1.49 21.44
C VAL C 50 18.63 0.33 20.71
N SER C 51 18.01 -0.56 21.48
CA SER C 51 17.29 -1.70 20.96
C SER C 51 15.79 -1.47 21.18
N GLN C 52 15.04 -1.32 20.10
CA GLN C 52 13.63 -0.84 20.17
C GLN C 52 12.65 -1.74 19.42
N MET C 53 11.51 -2.07 20.04
CA MET C 53 10.50 -2.92 19.39
C MET C 53 9.51 -2.03 18.63
N VAL C 54 9.47 -2.19 17.32
CA VAL C 54 8.61 -1.38 16.46
C VAL C 54 7.44 -2.24 15.98
N TYR C 55 6.21 -1.76 16.19
CA TYR C 55 5.05 -2.49 15.64
C TYR C 55 4.96 -2.27 14.12
N LYS C 56 4.71 -3.36 13.38
CA LYS C 56 4.66 -3.27 11.94
C LYS C 56 3.52 -2.38 11.50
N HIS C 57 2.45 -2.31 12.29
CA HIS C 57 1.36 -1.46 11.91
C HIS C 57 1.73 0.02 11.89
N ALA C 58 2.85 0.37 12.51
CA ALA C 58 3.34 1.76 12.51
C ALA C 58 4.34 2.05 11.42
N ILE C 59 4.70 1.01 10.66
CA ILE C 59 5.71 1.13 9.60
C ILE C 59 5.06 1.31 8.23
N SER C 60 5.58 2.27 7.46
CA SER C 60 5.25 2.36 6.05
C SER C 60 6.24 1.54 5.19
N THR C 61 7.54 1.78 5.35
CA THR C 61 8.52 1.12 4.49
C THR C 61 9.78 0.68 5.22
N VAL C 62 10.42 -0.35 4.67
CA VAL C 62 11.72 -0.80 5.13
C VAL C 62 12.62 -0.70 3.91
N VAL C 63 13.65 0.14 4.01
CA VAL C 63 14.53 0.52 2.86
C VAL C 63 15.98 0.19 3.27
N PRO C 64 16.72 -0.61 2.47
CA PRO C 64 18.16 -0.67 2.72
C PRO C 64 18.76 0.74 2.63
N SER C 65 19.42 1.20 3.70
CA SER C 65 20.01 2.54 3.79
C SER C 65 21.03 2.80 2.69
#